data_3HGM
#
_entry.id   3HGM
#
_cell.length_a   74.050
_cell.length_b   74.650
_cell.length_c   97.000
_cell.angle_alpha   90.00
_cell.angle_beta   90.00
_cell.angle_gamma   90.00
#
_symmetry.space_group_name_H-M   'P 21 21 21'
#
loop_
_entity.id
_entity.type
_entity.pdbx_description
1 polymer 'Universal Stress Protein TeaD'
2 non-polymer "ADENOSINE-5'-TRIPHOSPHATE"
3 non-polymer 'MAGNESIUM ION'
4 water water
#
_entity_poly.entity_id   1
_entity_poly.type   'polypeptide(L)'
_entity_poly.pdbx_seq_one_letter_code
;MFNRIMVPVDGSKGAVKALEKGVGLQQLTGAELYILCVFKHHSLLEASLSMARPEQLDIPDDALKDYATEIAVQAKTRAT
ELGVPADKVRAFVKGGRPSRTIVRFARKRECDLVVIGAQGTNGDKSLLLGSVAQRVAGSAHCPVLVV
;
_entity_poly.pdbx_strand_id   A,B,C,D
#
loop_
_chem_comp.id
_chem_comp.type
_chem_comp.name
_chem_comp.formula
ATP non-polymer ADENOSINE-5'-TRIPHOSPHATE 'C10 H16 N5 O13 P3'
MG non-polymer 'MAGNESIUM ION' 'Mg 2'
#
# COMPACT_ATOMS: atom_id res chain seq x y z
N MET A 1 5.31 23.15 -19.06
CA MET A 1 6.32 22.28 -18.39
C MET A 1 6.06 20.81 -18.67
N PHE A 2 4.83 20.49 -19.06
CA PHE A 2 4.46 19.14 -19.45
C PHE A 2 4.18 19.15 -20.95
N ASN A 3 4.90 18.31 -21.69
CA ASN A 3 4.75 18.22 -23.14
C ASN A 3 3.90 17.04 -23.61
N ARG A 4 3.83 15.98 -22.79
CA ARG A 4 3.05 14.80 -23.16
C ARG A 4 2.41 14.18 -21.92
N ILE A 5 1.10 14.32 -21.82
CA ILE A 5 0.35 13.89 -20.63
C ILE A 5 -0.40 12.61 -20.94
N MET A 6 -0.19 11.60 -20.10
CA MET A 6 -0.86 10.32 -20.26
C MET A 6 -2.00 10.21 -19.26
N VAL A 7 -3.16 9.78 -19.74
CA VAL A 7 -4.30 9.48 -18.87
C VAL A 7 -4.74 8.03 -19.09
N PRO A 8 -4.36 7.14 -18.15
CA PRO A 8 -4.91 5.79 -18.15
C PRO A 8 -6.37 5.82 -17.70
N VAL A 9 -7.25 5.20 -18.49
CA VAL A 9 -8.68 5.20 -18.19
C VAL A 9 -9.20 3.76 -18.15
N ASP A 10 -10.15 3.51 -17.26
CA ASP A 10 -10.68 2.15 -17.05
C ASP A 10 -12.20 2.08 -17.17
N GLY A 11 -12.83 3.15 -17.64
CA GLY A 11 -14.28 3.21 -17.74
C GLY A 11 -14.99 3.53 -16.43
N SER A 12 -14.22 3.96 -15.41
CA SER A 12 -14.79 4.30 -14.11
C SER A 12 -15.02 5.81 -14.01
N LYS A 13 -15.85 6.21 -13.06
CA LYS A 13 -16.09 7.63 -12.78
C LYS A 13 -14.82 8.30 -12.25
N GLY A 14 -14.00 7.55 -11.52
CA GLY A 14 -12.73 8.05 -11.03
C GLY A 14 -11.80 8.43 -12.18
N ALA A 15 -11.77 7.59 -13.20
CA ALA A 15 -10.95 7.85 -14.39
C ALA A 15 -11.42 9.06 -15.17
N VAL A 16 -12.73 9.26 -15.25
CA VAL A 16 -13.28 10.43 -15.94
C VAL A 16 -12.84 11.71 -15.24
N LYS A 17 -12.87 11.71 -13.90
CA LYS A 17 -12.40 12.87 -13.14
C LYS A 17 -10.91 13.12 -13.36
N ALA A 18 -10.14 12.04 -13.48
CA ALA A 18 -8.72 12.15 -13.85
C ALA A 18 -8.57 12.76 -15.23
N LEU A 19 -9.35 12.27 -16.19
CA LEU A 19 -9.30 12.78 -17.57
C LEU A 19 -9.59 14.29 -17.61
N GLU A 20 -10.58 14.71 -16.84
CA GLU A 20 -10.95 16.13 -16.76
C GLU A 20 -9.82 17.03 -16.25
N LYS A 21 -9.06 16.55 -15.27
CA LYS A 21 -7.89 17.30 -14.79
C LYS A 21 -6.76 17.27 -15.82
N GLY A 22 -6.59 16.14 -16.48
CA GLY A 22 -5.64 16.02 -17.58
C GLY A 22 -5.95 17.02 -18.69
N VAL A 23 -7.23 17.22 -18.99
CA VAL A 23 -7.67 18.20 -19.98
C VAL A 23 -7.32 19.63 -19.54
N GLY A 24 -7.53 19.93 -18.26
CA GLY A 24 -7.19 21.23 -17.70
C GLY A 24 -5.71 21.54 -17.84
N LEU A 25 -4.87 20.56 -17.54
CA LEU A 25 -3.42 20.72 -17.66
C LEU A 25 -2.99 20.82 -19.11
N GLN A 26 -3.65 20.05 -19.98
CA GLN A 26 -3.43 20.16 -21.43
C GLN A 26 -3.66 21.60 -21.89
N GLN A 27 -4.76 22.19 -21.45
CA GLN A 27 -5.12 23.55 -21.86
C GLN A 27 -4.13 24.58 -21.29
N LEU A 28 -3.59 24.30 -20.12
CA LEU A 28 -2.60 25.15 -19.48
C LEU A 28 -1.25 25.12 -20.21
N THR A 29 -0.85 23.94 -20.71
CA THR A 29 0.49 23.73 -21.22
C THR A 29 0.56 23.53 -22.73
N GLY A 30 -0.56 23.21 -23.37
CA GLY A 30 -0.60 22.83 -24.78
C GLY A 30 0.04 21.49 -25.08
N ALA A 31 0.06 20.61 -24.08
CA ALA A 31 0.72 19.31 -24.22
C ALA A 31 -0.07 18.35 -25.12
N GLU A 32 0.60 17.31 -25.57
CA GLU A 32 -0.08 16.17 -26.17
C GLU A 32 -0.77 15.39 -25.07
N LEU A 33 -1.91 14.79 -25.40
CA LEU A 33 -2.66 13.98 -24.45
C LEU A 33 -2.75 12.56 -24.98
N TYR A 34 -2.17 11.62 -24.24
CA TYR A 34 -2.20 10.20 -24.59
C TYR A 34 -3.17 9.48 -23.66
N ILE A 35 -4.20 8.86 -24.23
CA ILE A 35 -5.18 8.11 -23.46
C ILE A 35 -4.93 6.61 -23.64
N LEU A 36 -4.86 5.88 -22.54
CA LEU A 36 -4.62 4.42 -22.58
C LEU A 36 -5.63 3.66 -21.73
N CYS A 37 -6.25 2.65 -22.33
CA CYS A 37 -7.04 1.66 -21.60
C CYS A 37 -6.38 0.29 -21.74
N VAL A 38 -6.07 -0.33 -20.60
CA VAL A 38 -5.47 -1.65 -20.59
C VAL A 38 -6.56 -2.69 -20.37
N PHE A 39 -6.54 -3.76 -21.16
CA PHE A 39 -7.45 -4.89 -20.95
C PHE A 39 -6.65 -6.12 -20.54
N LYS A 40 -7.28 -6.98 -19.75
CA LYS A 40 -6.64 -8.21 -19.30
C LYS A 40 -6.71 -9.27 -20.39
N HIS A 41 -5.63 -10.03 -20.54
CA HIS A 41 -5.58 -11.14 -21.47
C HIS A 41 -6.30 -12.34 -20.89
N HIS A 42 -6.84 -13.19 -21.76
CA HIS A 42 -7.43 -14.46 -21.35
C HIS A 42 -6.41 -15.34 -20.62
N SER A 43 -5.18 -15.37 -21.15
CA SER A 43 -4.12 -16.23 -20.61
C SER A 43 -3.67 -15.80 -19.20
N LEU A 44 -3.44 -14.50 -19.01
CA LEU A 44 -2.97 -13.97 -17.72
C LEU A 44 -3.91 -14.28 -16.54
N LEU A 45 -5.21 -14.33 -16.82
CA LEU A 45 -6.20 -14.69 -15.79
C LEU A 45 -6.14 -16.18 -15.47
N GLU A 46 -6.41 -17.01 -16.47
CA GLU A 46 -6.48 -18.47 -16.29
C GLU A 46 -5.11 -19.15 -16.06
N ALA A 47 -4.02 -18.42 -16.30
CA ALA A 47 -2.68 -18.95 -16.04
C ALA A 47 -2.44 -19.19 -14.54
N SER A 48 -2.98 -18.30 -13.71
CA SER A 48 -2.81 -18.38 -12.27
C SER A 48 -4.05 -18.96 -11.57
N LEU A 49 -4.69 -19.93 -12.22
CA LEU A 49 -5.85 -20.62 -11.66
C LEU A 49 -5.54 -22.10 -11.44
N SER A 50 -6.00 -22.65 -10.32
CA SER A 50 -5.80 -24.07 -10.02
C SER A 50 -6.68 -24.94 -10.92
N MET A 51 -7.94 -24.52 -11.09
CA MET A 51 -8.89 -25.23 -11.97
C MET A 51 -9.43 -24.26 -13.03
N ALA A 52 -9.89 -24.82 -14.15
CA ALA A 52 -10.39 -24.03 -15.26
C ALA A 52 -11.74 -23.38 -14.91
N ARG A 53 -11.96 -22.17 -15.42
CA ARG A 53 -13.26 -21.51 -15.31
C ARG A 53 -14.30 -22.31 -16.10
N PRO A 54 -15.54 -22.41 -15.60
CA PRO A 54 -16.57 -23.09 -16.39
C PRO A 54 -16.82 -22.40 -17.72
N GLU A 55 -17.21 -23.17 -18.74
CA GLU A 55 -17.50 -22.61 -20.05
C GLU A 55 -18.75 -21.72 -20.04
N GLN A 56 -19.54 -21.80 -18.97
CA GLN A 56 -20.65 -20.88 -18.73
C GLN A 56 -20.18 -19.44 -18.51
N LEU A 57 -18.95 -19.28 -18.02
CA LEU A 57 -18.35 -17.96 -17.82
C LEU A 57 -17.53 -17.49 -19.04
N ASP A 58 -17.69 -18.17 -20.17
CA ASP A 58 -16.94 -17.81 -21.39
C ASP A 58 -17.41 -16.49 -21.97
N ILE A 59 -16.46 -15.76 -22.54
CA ILE A 59 -16.73 -14.53 -23.28
C ILE A 59 -15.96 -14.61 -24.61
N PRO A 60 -16.41 -13.86 -25.63
CA PRO A 60 -15.57 -13.75 -26.83
C PRO A 60 -14.16 -13.26 -26.47
N ASP A 61 -13.14 -13.82 -27.11
CA ASP A 61 -11.76 -13.47 -26.81
C ASP A 61 -11.45 -11.99 -27.01
N ASP A 62 -12.07 -11.39 -28.03
CA ASP A 62 -11.86 -9.97 -28.35
C ASP A 62 -12.86 -9.03 -27.68
N ALA A 63 -13.73 -9.58 -26.82
CA ALA A 63 -14.79 -8.79 -26.16
C ALA A 63 -14.21 -7.81 -25.14
N LEU A 64 -13.15 -8.22 -24.44
CA LEU A 64 -12.45 -7.33 -23.52
C LEU A 64 -11.73 -6.21 -24.25
N LYS A 65 -11.17 -6.52 -25.42
CA LYS A 65 -10.49 -5.52 -26.24
C LYS A 65 -11.49 -4.50 -26.80
N ASP A 66 -12.62 -5.00 -27.31
CA ASP A 66 -13.68 -4.12 -27.81
C ASP A 66 -14.18 -3.15 -26.74
N TYR A 67 -14.34 -3.66 -25.52
CA TYR A 67 -14.76 -2.84 -24.39
C TYR A 67 -13.72 -1.76 -24.08
N ALA A 68 -12.46 -2.17 -23.98
CA ALA A 68 -11.36 -1.24 -23.75
C ALA A 68 -11.29 -0.16 -24.84
N THR A 69 -11.54 -0.57 -26.08
CA THR A 69 -11.55 0.35 -27.21
C THR A 69 -12.64 1.42 -27.05
N GLU A 70 -13.85 0.99 -26.68
CA GLU A 70 -14.97 1.91 -26.46
C GLU A 70 -14.67 2.90 -25.35
N ILE A 71 -14.02 2.42 -24.29
CA ILE A 71 -13.62 3.26 -23.17
C ILE A 71 -12.62 4.32 -23.61
N ALA A 72 -11.61 3.90 -24.36
CA ALA A 72 -10.57 4.82 -24.84
C ALA A 72 -11.16 5.89 -25.78
N VAL A 73 -12.09 5.46 -26.65
CA VAL A 73 -12.75 6.36 -27.59
C VAL A 73 -13.69 7.34 -26.87
N GLN A 74 -14.42 6.86 -25.86
CA GLN A 74 -15.24 7.75 -25.02
C GLN A 74 -14.36 8.85 -24.44
N ALA A 75 -13.22 8.45 -23.87
CA ALA A 75 -12.29 9.39 -23.26
C ALA A 75 -11.74 10.40 -24.27
N LYS A 76 -11.31 9.91 -25.43
CA LYS A 76 -10.81 10.80 -26.50
C LYS A 76 -11.87 11.81 -26.90
N THR A 77 -13.09 11.33 -27.13
CA THR A 77 -14.20 12.19 -27.53
C THR A 77 -14.49 13.23 -26.45
N ARG A 78 -14.54 12.79 -25.20
CA ARG A 78 -14.75 13.73 -24.07
C ARG A 78 -13.65 14.78 -24.01
N ALA A 79 -12.41 14.37 -24.20
CA ALA A 79 -11.28 15.30 -24.14
C ALA A 79 -11.39 16.38 -25.22
N THR A 80 -11.75 15.96 -26.43
CA THR A 80 -11.89 16.91 -27.54
C THR A 80 -13.10 17.84 -27.34
N GLU A 81 -14.22 17.30 -26.87
CA GLU A 81 -15.40 18.11 -26.55
C GLU A 81 -15.12 19.14 -25.47
N LEU A 82 -14.24 18.80 -24.53
CA LEU A 82 -13.87 19.70 -23.44
C LEU A 82 -12.81 20.73 -23.84
N GLY A 83 -12.32 20.65 -25.08
CA GLY A 83 -11.48 21.71 -25.65
C GLY A 83 -10.09 21.34 -26.12
N VAL A 84 -9.68 20.09 -25.96
CA VAL A 84 -8.38 19.64 -26.44
C VAL A 84 -8.46 19.46 -27.96
N PRO A 85 -7.55 20.09 -28.73
CA PRO A 85 -7.58 19.87 -30.18
C PRO A 85 -7.45 18.39 -30.55
N ALA A 86 -8.23 17.94 -31.53
CA ALA A 86 -8.21 16.53 -31.95
C ALA A 86 -6.81 16.03 -32.29
N ASP A 87 -5.99 16.88 -32.92
CA ASP A 87 -4.63 16.51 -33.32
C ASP A 87 -3.65 16.36 -32.14
N LYS A 88 -4.06 16.81 -30.95
CA LYS A 88 -3.25 16.69 -29.76
C LYS A 88 -3.60 15.46 -28.91
N VAL A 89 -4.75 14.83 -29.19
CA VAL A 89 -5.20 13.67 -28.42
C VAL A 89 -5.05 12.37 -29.21
N ARG A 90 -4.42 11.37 -28.61
CA ARG A 90 -4.31 10.04 -29.19
C ARG A 90 -4.75 8.99 -28.18
N ALA A 91 -5.60 8.07 -28.63
CA ALA A 91 -6.13 6.99 -27.78
C ALA A 91 -5.47 5.66 -28.14
N PHE A 92 -5.15 4.87 -27.11
CA PHE A 92 -4.51 3.57 -27.28
C PHE A 92 -5.21 2.51 -26.45
N VAL A 93 -5.17 1.28 -26.94
CA VAL A 93 -5.62 0.13 -26.17
C VAL A 93 -4.51 -0.91 -26.18
N LYS A 94 -4.15 -1.38 -24.99
CA LYS A 94 -3.09 -2.36 -24.82
C LYS A 94 -3.59 -3.51 -23.95
N GLY A 95 -3.13 -4.71 -24.28
CA GLY A 95 -3.42 -5.87 -23.46
C GLY A 95 -2.35 -6.03 -22.41
N GLY A 96 -2.73 -6.43 -21.20
CA GLY A 96 -1.77 -6.82 -20.19
C GLY A 96 -2.11 -6.46 -18.77
N ARG A 97 -1.07 -6.45 -17.93
CA ARG A 97 -1.17 -6.10 -16.53
C ARG A 97 -1.22 -4.56 -16.43
N PRO A 98 -2.34 -3.99 -15.94
CA PRO A 98 -2.54 -2.53 -15.95
C PRO A 98 -1.38 -1.67 -15.44
N SER A 99 -1.01 -1.80 -14.17
CA SER A 99 0.05 -0.98 -13.57
C SER A 99 1.36 -1.11 -14.33
N ARG A 100 1.76 -2.35 -14.58
CA ARG A 100 2.95 -2.65 -15.37
C ARG A 100 2.86 -1.99 -16.75
N THR A 101 1.73 -2.19 -17.43
CA THR A 101 1.56 -1.71 -18.80
C THR A 101 1.54 -0.18 -18.87
N ILE A 102 0.89 0.45 -17.91
CA ILE A 102 0.82 1.92 -17.84
C ILE A 102 2.20 2.53 -17.68
N VAL A 103 2.98 2.01 -16.74
CA VAL A 103 4.33 2.48 -16.47
C VAL A 103 5.27 2.26 -17.67
N ARG A 104 5.18 1.08 -18.29
CA ARG A 104 5.98 0.79 -19.48
C ARG A 104 5.63 1.74 -20.62
N PHE A 105 4.32 1.94 -20.83
CA PHE A 105 3.83 2.84 -21.87
C PHE A 105 4.33 4.27 -21.65
N ALA A 106 4.21 4.76 -20.41
CA ALA A 106 4.66 6.10 -20.04
C ALA A 106 6.14 6.31 -20.37
N ARG A 107 6.96 5.31 -20.05
CA ARG A 107 8.40 5.36 -20.32
C ARG A 107 8.69 5.30 -21.83
N LYS A 108 8.09 4.32 -22.50
CA LYS A 108 8.31 4.12 -23.94
C LYS A 108 7.90 5.34 -24.78
N ARG A 109 6.76 5.94 -24.45
CA ARG A 109 6.25 7.08 -25.20
C ARG A 109 6.77 8.43 -24.71
N GLU A 110 7.67 8.41 -23.72
CA GLU A 110 8.28 9.62 -23.17
C GLU A 110 7.23 10.62 -22.67
N CYS A 111 6.20 10.11 -22.01
CA CYS A 111 5.23 10.94 -21.31
C CYS A 111 5.93 11.56 -20.09
N ASP A 112 5.71 12.85 -19.86
CA ASP A 112 6.31 13.52 -18.70
C ASP A 112 5.30 13.77 -17.59
N LEU A 113 4.10 13.22 -17.73
CA LEU A 113 3.10 13.21 -16.67
C LEU A 113 2.10 12.08 -16.88
N VAL A 114 1.70 11.43 -15.79
CA VAL A 114 0.58 10.50 -15.81
C VAL A 114 -0.49 11.09 -14.90
N VAL A 115 -1.73 11.16 -15.39
CA VAL A 115 -2.86 11.61 -14.58
C VAL A 115 -3.82 10.44 -14.39
N ILE A 116 -4.00 10.02 -13.15
CA ILE A 116 -4.68 8.77 -12.86
C ILE A 116 -5.72 8.99 -11.75
N GLY A 117 -6.80 8.22 -11.80
CA GLY A 117 -7.79 8.28 -10.74
C GLY A 117 -7.25 7.70 -9.44
N ALA A 118 -7.68 8.27 -8.31
CA ALA A 118 -7.33 7.70 -7.01
C ALA A 118 -7.97 6.32 -6.87
N GLN A 119 -9.19 6.20 -7.38
CA GLN A 119 -9.92 4.93 -7.40
C GLN A 119 -10.56 4.68 -8.77
N GLY A 120 -11.04 3.46 -8.98
CA GLY A 120 -11.46 3.00 -10.29
C GLY A 120 -12.80 2.28 -10.27
N THR A 121 -12.87 1.14 -10.96
CA THR A 121 -14.14 0.38 -11.06
C THR A 121 -14.58 -0.22 -9.73
N ASN A 122 -13.62 -0.38 -8.81
CA ASN A 122 -13.91 -0.83 -7.45
C ASN A 122 -13.96 0.33 -6.44
N GLY A 123 -14.31 1.53 -6.91
CA GLY A 123 -14.39 2.71 -6.06
C GLY A 123 -15.39 2.61 -4.93
N ASP A 124 -15.17 3.40 -3.87
CA ASP A 124 -16.03 3.40 -2.70
C ASP A 124 -15.83 4.64 -1.83
N LYS A 125 -16.56 4.71 -0.72
CA LYS A 125 -16.43 5.80 0.25
C LYS A 125 -15.05 5.81 0.95
N SER A 126 -14.31 4.71 0.85
CA SER A 126 -12.96 4.63 1.42
C SER A 126 -12.01 5.67 0.83
N LEU A 127 -11.05 6.10 1.64
CA LEU A 127 -10.03 7.04 1.19
C LEU A 127 -8.70 6.31 1.00
N LEU A 128 -8.78 5.05 0.56
CA LEU A 128 -7.61 4.26 0.26
C LEU A 128 -7.30 4.35 -1.23
N LEU A 129 -6.02 4.39 -1.55
CA LEU A 129 -5.58 4.49 -2.93
C LEU A 129 -5.88 3.14 -3.62
N GLY A 130 -6.45 3.20 -4.81
CA GLY A 130 -6.64 2.00 -5.62
C GLY A 130 -5.30 1.35 -5.88
N SER A 131 -5.33 0.03 -6.13
CA SER A 131 -4.10 -0.74 -6.31
C SER A 131 -3.29 -0.27 -7.51
N VAL A 132 -3.96 0.05 -8.62
CA VAL A 132 -3.26 0.52 -9.82
C VAL A 132 -2.65 1.90 -9.57
N ALA A 133 -3.44 2.80 -9.01
CA ALA A 133 -2.94 4.13 -8.62
C ALA A 133 -1.69 4.02 -7.74
N GLN A 134 -1.78 3.17 -6.73
CA GLN A 134 -0.69 2.96 -5.77
C GLN A 134 0.59 2.49 -6.47
N ARG A 135 0.45 1.52 -7.37
CA ARG A 135 1.59 0.96 -8.08
C ARG A 135 2.18 1.94 -9.09
N VAL A 136 1.33 2.58 -9.87
CA VAL A 136 1.76 3.56 -10.88
C VAL A 136 2.43 4.77 -10.23
N ALA A 137 1.80 5.34 -9.20
CA ALA A 137 2.38 6.45 -8.46
C ALA A 137 3.79 6.12 -7.93
N GLY A 138 3.98 4.88 -7.50
CA GLY A 138 5.29 4.44 -6.99
C GLY A 138 6.35 4.20 -8.05
N SER A 139 5.97 3.61 -9.17
CA SER A 139 6.92 3.07 -10.15
C SER A 139 7.10 3.90 -11.42
N ALA A 140 6.19 4.84 -11.69
CA ALA A 140 6.31 5.67 -12.89
C ALA A 140 7.63 6.45 -12.88
N HIS A 141 8.22 6.62 -14.05
CA HIS A 141 9.48 7.36 -14.19
C HIS A 141 9.23 8.87 -14.10
N CYS A 142 7.99 9.28 -14.34
CA CYS A 142 7.60 10.69 -14.36
C CYS A 142 6.61 10.97 -13.23
N PRO A 143 6.28 12.26 -12.99
CA PRO A 143 5.30 12.55 -11.95
C PRO A 143 3.91 11.98 -12.25
N VAL A 144 3.20 11.64 -11.18
CA VAL A 144 1.88 11.04 -11.29
C VAL A 144 0.88 11.88 -10.51
N LEU A 145 -0.10 12.44 -11.22
CA LEU A 145 -1.16 13.22 -10.61
C LEU A 145 -2.33 12.30 -10.26
N VAL A 146 -2.52 12.09 -8.97
CA VAL A 146 -3.58 11.22 -8.47
C VAL A 146 -4.79 12.13 -8.20
N VAL A 147 -5.89 11.89 -8.92
CA VAL A 147 -7.07 12.75 -8.84
C VAL A 147 -8.21 12.02 -8.16
N MET B 1 -5.39 26.80 -13.43
CA MET B 1 -6.41 25.91 -12.80
C MET B 1 -6.11 25.63 -11.32
N PHE B 2 -4.95 26.09 -10.86
CA PHE B 2 -4.53 25.89 -9.47
C PHE B 2 -4.21 27.23 -8.83
N ASN B 3 -5.06 27.68 -7.93
CA ASN B 3 -4.87 28.96 -7.24
C ASN B 3 -4.03 28.85 -5.97
N ARG B 4 -4.03 27.68 -5.34
CA ARG B 4 -3.29 27.47 -4.09
C ARG B 4 -2.66 26.09 -4.05
N ILE B 5 -1.35 26.06 -4.23
CA ILE B 5 -0.58 24.83 -4.30
C ILE B 5 0.17 24.61 -3.00
N MET B 6 0.07 23.40 -2.46
CA MET B 6 0.76 23.04 -1.23
C MET B 6 1.89 22.07 -1.55
N VAL B 7 3.06 22.31 -0.96
CA VAL B 7 4.18 21.39 -1.03
C VAL B 7 4.60 20.97 0.39
N PRO B 8 4.21 19.74 0.79
CA PRO B 8 4.75 19.19 2.04
C PRO B 8 6.21 18.78 1.86
N VAL B 9 7.08 19.29 2.72
CA VAL B 9 8.52 19.01 2.63
C VAL B 9 9.05 18.43 3.93
N ASP B 10 9.99 17.49 3.82
CA ASP B 10 10.55 16.78 4.98
C ASP B 10 12.10 16.82 5.04
N GLY B 11 12.72 17.65 4.21
CA GLY B 11 14.17 17.74 4.14
C GLY B 11 14.82 16.72 3.23
N SER B 12 14.02 15.89 2.56
CA SER B 12 14.54 14.83 1.69
C SER B 12 14.80 15.35 0.28
N LYS B 13 15.62 14.61 -0.46
CA LYS B 13 15.84 14.91 -1.87
C LYS B 13 14.54 14.77 -2.66
N GLY B 14 13.72 13.79 -2.28
CA GLY B 14 12.41 13.60 -2.90
C GLY B 14 11.52 14.82 -2.76
N ALA B 15 11.56 15.44 -1.58
CA ALA B 15 10.80 16.66 -1.30
C ALA B 15 11.32 17.86 -2.09
N VAL B 16 12.63 17.89 -2.32
CA VAL B 16 13.24 18.95 -3.15
C VAL B 16 12.71 18.86 -4.59
N LYS B 17 12.66 17.65 -5.14
CA LYS B 17 12.12 17.46 -6.48
C LYS B 17 10.63 17.82 -6.54
N ALA B 18 9.88 17.52 -5.47
CA ALA B 18 8.48 17.93 -5.37
C ALA B 18 8.36 19.45 -5.39
N LEU B 19 9.19 20.14 -4.61
CA LEU B 19 9.18 21.60 -4.56
C LEU B 19 9.45 22.19 -5.94
N GLU B 20 10.41 21.62 -6.66
CA GLU B 20 10.78 22.10 -7.99
C GLU B 20 9.62 22.03 -8.98
N LYS B 21 8.83 20.95 -8.91
CA LYS B 21 7.64 20.83 -9.75
C LYS B 21 6.53 21.76 -9.28
N GLY B 22 6.37 21.90 -7.96
CA GLY B 22 5.43 22.86 -7.39
C GLY B 22 5.70 24.30 -7.85
N VAL B 23 6.97 24.67 -7.88
CA VAL B 23 7.39 25.98 -8.35
C VAL B 23 7.05 26.13 -9.83
N GLY B 24 7.37 25.10 -10.63
CA GLY B 24 7.05 25.11 -12.06
C GLY B 24 5.58 25.40 -12.33
N LEU B 25 4.70 24.71 -11.59
CA LEU B 25 3.26 24.92 -11.70
C LEU B 25 2.82 26.27 -11.15
N GLN B 26 3.48 26.76 -10.11
CA GLN B 26 3.20 28.09 -9.57
C GLN B 26 3.45 29.16 -10.63
N GLN B 27 4.58 29.04 -11.33
CA GLN B 27 4.99 30.00 -12.34
C GLN B 27 4.04 29.98 -13.55
N LEU B 28 3.46 28.82 -13.80
CA LEU B 28 2.52 28.64 -14.89
C LEU B 28 1.14 29.22 -14.55
N THR B 29 0.77 29.19 -13.26
CA THR B 29 -0.59 29.60 -12.84
C THR B 29 -0.66 30.91 -12.05
N GLY B 30 0.47 31.38 -11.54
CA GLY B 30 0.50 32.51 -10.60
C GLY B 30 -0.14 32.18 -9.26
N ALA B 31 -0.13 30.89 -8.89
CA ALA B 31 -0.78 30.42 -7.67
C ALA B 31 -0.04 30.86 -6.42
N GLU B 32 -0.75 30.86 -5.30
CA GLU B 32 -0.10 30.91 -4.00
C GLU B 32 0.55 29.56 -3.73
N LEU B 33 1.74 29.58 -3.12
CA LEU B 33 2.48 28.37 -2.77
C LEU B 33 2.58 28.25 -1.24
N TYR B 34 2.03 27.18 -0.69
CA TYR B 34 2.05 26.94 0.76
C TYR B 34 3.01 25.78 1.05
N ILE B 35 4.08 26.07 1.78
CA ILE B 35 5.08 25.06 2.12
C ILE B 35 4.83 24.63 3.56
N LEU B 36 4.78 23.32 3.78
CA LEU B 36 4.48 22.76 5.10
C LEU B 36 5.48 21.67 5.47
N CYS B 37 6.06 21.80 6.65
CA CYS B 37 6.88 20.74 7.24
C CYS B 37 6.25 20.34 8.57
N VAL B 38 5.94 19.06 8.70
CA VAL B 38 5.30 18.52 9.89
C VAL B 38 6.37 17.85 10.75
N PHE B 39 6.36 18.15 12.05
CA PHE B 39 7.25 17.46 12.99
C PHE B 39 6.41 16.59 13.91
N LYS B 40 6.87 15.37 14.16
CA LYS B 40 6.21 14.48 15.09
C LYS B 40 6.61 14.92 16.48
N HIS B 41 5.63 15.28 17.30
CA HIS B 41 5.89 15.77 18.65
C HIS B 41 6.07 14.62 19.66
N HIS B 42 6.59 14.96 20.83
CA HIS B 42 7.11 13.98 21.81
C HIS B 42 6.11 12.90 22.21
N SER B 43 4.88 13.32 22.54
CA SER B 43 3.82 12.38 22.91
C SER B 43 3.50 11.39 21.79
N LEU B 44 3.61 11.85 20.55
CA LEU B 44 3.34 11.00 19.38
C LEU B 44 4.43 9.93 19.24
N LEU B 45 5.70 10.34 19.34
CA LEU B 45 6.82 9.41 19.25
C LEU B 45 6.81 8.38 20.39
N GLU B 46 6.32 8.80 21.55
CA GLU B 46 6.26 7.94 22.75
C GLU B 46 4.90 7.26 22.94
N ALA B 47 3.99 7.43 21.97
CA ALA B 47 2.59 7.00 22.13
C ALA B 47 2.41 5.48 22.20
N SER B 48 3.07 4.75 21.31
CA SER B 48 2.85 3.31 21.17
C SER B 48 4.12 2.51 21.46
N LEU B 49 4.83 2.89 22.52
CA LEU B 49 6.12 2.27 22.85
C LEU B 49 6.00 1.21 23.94
N SER B 50 6.78 0.14 23.81
CA SER B 50 6.91 -0.87 24.85
C SER B 50 8.03 -0.53 25.85
N MET B 51 8.92 0.37 25.44
CA MET B 51 9.95 0.92 26.34
C MET B 51 10.33 2.34 25.91
N ALA B 52 10.65 3.19 26.89
CA ALA B 52 11.04 4.56 26.60
C ALA B 52 12.27 4.60 25.71
N ARG B 53 12.39 5.65 24.92
CA ARG B 53 13.58 5.86 24.12
C ARG B 53 14.71 6.35 25.03
N PRO B 54 15.96 5.94 24.75
CA PRO B 54 17.09 6.43 25.52
C PRO B 54 17.27 7.95 25.45
N GLU B 55 17.87 8.51 26.50
CA GLU B 55 18.14 9.96 26.60
C GLU B 55 18.69 10.55 25.31
N GLN B 56 19.69 9.89 24.74
CA GLN B 56 20.39 10.41 23.57
C GLN B 56 19.48 10.51 22.34
N LEU B 57 18.42 9.71 22.31
CA LEU B 57 17.44 9.75 21.22
C LEU B 57 16.21 10.59 21.55
N ASP B 58 16.01 10.90 22.83
CA ASP B 58 14.86 11.68 23.26
C ASP B 58 15.09 13.17 22.95
N ILE B 59 14.82 13.55 21.70
CA ILE B 59 14.98 14.94 21.25
C ILE B 59 13.73 15.73 21.64
N PRO B 60 13.90 16.85 22.38
CA PRO B 60 12.73 17.59 22.84
C PRO B 60 11.99 18.31 21.71
N ASP B 61 10.71 18.61 21.94
CA ASP B 61 9.82 19.19 20.92
C ASP B 61 10.31 20.48 20.32
N ASP B 62 10.99 21.31 21.12
CA ASP B 62 11.49 22.59 20.60
C ASP B 62 12.57 22.36 19.54
N ALA B 63 13.39 21.33 19.75
CA ALA B 63 14.44 20.98 18.77
C ALA B 63 13.86 20.33 17.51
N LEU B 64 12.86 19.47 17.68
CA LEU B 64 12.17 18.89 16.53
C LEU B 64 11.49 19.98 15.72
N LYS B 65 10.87 20.94 16.41
CA LYS B 65 10.20 22.05 15.75
C LYS B 65 11.21 22.95 15.03
N ASP B 66 12.33 23.25 15.68
CA ASP B 66 13.38 24.06 15.07
C ASP B 66 13.90 23.46 13.76
N TYR B 67 14.07 22.14 13.73
CA TYR B 67 14.55 21.45 12.53
C TYR B 67 13.54 21.56 11.39
N ALA B 68 12.26 21.38 11.72
CA ALA B 68 11.19 21.52 10.72
C ALA B 68 11.12 22.93 10.18
N THR B 69 11.31 23.91 11.07
CA THR B 69 11.31 25.32 10.71
C THR B 69 12.44 25.63 9.73
N GLU B 70 13.63 25.10 10.02
CA GLU B 70 14.78 25.29 9.13
C GLU B 70 14.47 24.74 7.74
N ILE B 71 13.87 23.56 7.70
CA ILE B 71 13.49 22.91 6.44
C ILE B 71 12.48 23.73 5.66
N ALA B 72 11.42 24.17 6.35
CA ALA B 72 10.37 24.97 5.72
C ALA B 72 10.89 26.32 5.22
N VAL B 73 11.75 26.96 6.01
CA VAL B 73 12.34 28.25 5.64
C VAL B 73 13.27 28.12 4.43
N GLN B 74 14.08 27.06 4.42
CA GLN B 74 14.95 26.75 3.27
C GLN B 74 14.12 26.53 2.01
N ALA B 75 13.01 25.81 2.13
CA ALA B 75 12.13 25.57 0.99
C ALA B 75 11.57 26.88 0.44
N LYS B 76 11.12 27.77 1.33
CA LYS B 76 10.62 29.10 0.91
C LYS B 76 11.71 29.91 0.22
N THR B 77 12.92 29.87 0.77
CA THR B 77 14.07 30.53 0.17
C THR B 77 14.34 29.98 -1.22
N ARG B 78 14.38 28.65 -1.33
CA ARG B 78 14.63 27.99 -2.61
C ARG B 78 13.52 28.28 -3.64
N ALA B 79 12.27 28.30 -3.19
CA ALA B 79 11.15 28.64 -4.07
C ALA B 79 11.32 30.04 -4.65
N THR B 80 11.69 31.00 -3.81
CA THR B 80 11.90 32.37 -4.27
C THR B 80 13.10 32.50 -5.23
N GLU B 81 14.18 31.77 -4.95
CA GLU B 81 15.32 31.69 -5.87
C GLU B 81 14.87 31.30 -7.28
N LEU B 82 13.99 30.30 -7.35
CA LEU B 82 13.56 29.74 -8.64
C LEU B 82 12.46 30.54 -9.35
N GLY B 83 12.05 31.66 -8.78
CA GLY B 83 11.15 32.58 -9.46
C GLY B 83 9.90 33.00 -8.71
N VAL B 84 9.50 32.24 -7.69
CA VAL B 84 8.24 32.53 -7.00
C VAL B 84 8.34 33.84 -6.21
N PRO B 85 7.41 34.79 -6.44
CA PRO B 85 7.34 36.01 -5.64
C PRO B 85 7.24 35.73 -4.13
N ALA B 86 8.04 36.46 -3.33
CA ALA B 86 8.08 36.25 -1.89
C ALA B 86 6.68 36.25 -1.25
N ASP B 87 5.85 37.22 -1.65
CA ASP B 87 4.51 37.35 -1.09
C ASP B 87 3.56 36.21 -1.48
N LYS B 88 3.93 35.43 -2.50
CA LYS B 88 3.12 34.29 -2.97
C LYS B 88 3.51 32.96 -2.31
N VAL B 89 4.63 32.95 -1.58
CA VAL B 89 5.09 31.72 -0.91
C VAL B 89 5.15 31.90 0.60
N ARG B 90 4.46 31.01 1.31
CA ARG B 90 4.39 31.04 2.77
C ARG B 90 4.83 29.69 3.34
N ALA B 91 5.57 29.73 4.44
CA ALA B 91 6.07 28.53 5.10
C ALA B 91 5.31 28.28 6.39
N PHE B 92 5.02 27.01 6.65
CA PHE B 92 4.26 26.60 7.81
C PHE B 92 4.96 25.42 8.46
N VAL B 93 4.95 25.39 9.78
CA VAL B 93 5.50 24.28 10.54
C VAL B 93 4.40 23.85 11.52
N LYS B 94 4.07 22.56 11.50
CA LYS B 94 2.98 22.02 12.30
C LYS B 94 3.39 20.73 12.99
N GLY B 95 2.92 20.53 14.21
CA GLY B 95 3.15 19.28 14.92
C GLY B 95 2.02 18.29 14.68
N GLY B 96 2.37 17.02 14.53
CA GLY B 96 1.37 15.96 14.40
C GLY B 96 1.80 14.82 13.51
N ARG B 97 0.83 13.97 13.18
CA ARG B 97 1.06 12.87 12.27
C ARG B 97 1.15 13.47 10.87
N PRO B 98 2.24 13.20 10.14
CA PRO B 98 2.41 13.92 8.87
C PRO B 98 1.26 13.78 7.87
N SER B 99 0.86 12.53 7.57
CA SER B 99 -0.15 12.30 6.52
C SER B 99 -1.45 13.03 6.83
N ARG B 100 -1.94 12.81 8.04
CA ARG B 100 -3.19 13.40 8.49
C ARG B 100 -3.10 14.92 8.61
N THR B 101 -1.96 15.42 9.10
CA THR B 101 -1.76 16.87 9.21
C THR B 101 -1.72 17.55 7.84
N ILE B 102 -1.04 16.92 6.89
CA ILE B 102 -0.98 17.43 5.51
C ILE B 102 -2.37 17.48 4.87
N VAL B 103 -3.12 16.38 4.95
CA VAL B 103 -4.47 16.32 4.36
C VAL B 103 -5.41 17.35 4.99
N ARG B 104 -5.37 17.48 6.31
CA ARG B 104 -6.21 18.44 7.03
CA ARG B 104 -6.20 18.44 7.05
CA ARG B 104 -6.23 18.42 7.01
C ARG B 104 -5.86 19.87 6.67
N PHE B 105 -4.56 20.16 6.59
CA PHE B 105 -4.06 21.50 6.22
C PHE B 105 -4.52 21.91 4.81
N ALA B 106 -4.41 20.99 3.85
CA ALA B 106 -4.86 21.25 2.47
C ALA B 106 -6.35 21.61 2.43
N ARG B 107 -7.14 20.90 3.22
CA ARG B 107 -8.59 21.11 3.28
C ARG B 107 -8.92 22.46 3.93
N LYS B 108 -8.34 22.69 5.12
CA LYS B 108 -8.60 23.92 5.89
C LYS B 108 -8.18 25.15 5.10
N ARG B 109 -6.98 25.10 4.50
CA ARG B 109 -6.45 26.23 3.75
C ARG B 109 -6.97 26.30 2.30
N GLU B 110 -7.86 25.39 1.92
CA GLU B 110 -8.47 25.36 0.59
C GLU B 110 -7.44 25.29 -0.53
N CYS B 111 -6.46 24.40 -0.36
CA CYS B 111 -5.50 24.12 -1.42
C CYS B 111 -6.19 23.30 -2.50
N ASP B 112 -5.90 23.60 -3.77
CA ASP B 112 -6.48 22.82 -4.88
C ASP B 112 -5.45 21.89 -5.53
N LEU B 113 -4.24 21.87 -4.98
CA LEU B 113 -3.20 20.91 -5.38
C LEU B 113 -2.21 20.67 -4.23
N VAL B 114 -1.80 19.42 -4.09
CA VAL B 114 -0.69 19.04 -3.22
C VAL B 114 0.39 18.44 -4.11
N VAL B 115 1.63 18.88 -3.93
CA VAL B 115 2.77 18.29 -4.64
C VAL B 115 3.70 17.68 -3.61
N ILE B 116 3.88 16.36 -3.71
CA ILE B 116 4.54 15.58 -2.68
C ILE B 116 5.58 14.68 -3.34
N GLY B 117 6.67 14.39 -2.63
CA GLY B 117 7.67 13.45 -3.13
C GLY B 117 7.10 12.04 -3.15
N ALA B 118 7.55 11.22 -4.11
CA ALA B 118 7.20 9.80 -4.11
C ALA B 118 7.88 9.11 -2.92
N GLN B 119 9.10 9.58 -2.62
CA GLN B 119 9.87 9.09 -1.47
C GLN B 119 10.36 10.26 -0.63
N GLY B 120 10.87 9.94 0.56
CA GLY B 120 11.27 10.93 1.55
C GLY B 120 12.62 10.61 2.19
N THR B 121 12.72 10.81 3.49
CA THR B 121 13.98 10.64 4.22
C THR B 121 14.46 9.19 4.21
N ASN B 122 13.53 8.25 4.04
CA ASN B 122 13.88 6.84 3.88
C ASN B 122 14.00 6.43 2.41
N GLY B 123 14.17 7.40 1.52
CA GLY B 123 14.23 7.15 0.07
C GLY B 123 15.46 6.39 -0.36
N ASP B 124 15.32 5.65 -1.46
CA ASP B 124 16.39 4.79 -1.97
C ASP B 124 16.22 4.59 -3.49
N LYS B 125 16.97 3.64 -4.06
CA LYS B 125 16.85 3.32 -5.47
C LYS B 125 15.53 2.61 -5.83
N SER B 126 14.89 1.99 -4.84
CA SER B 126 13.67 1.21 -5.08
C SER B 126 12.47 2.07 -5.51
N LEU B 127 11.45 1.41 -6.04
CA LEU B 127 10.25 2.07 -6.55
C LEU B 127 9.06 1.94 -5.57
N LEU B 128 9.35 1.84 -4.29
CA LEU B 128 8.30 1.80 -3.27
C LEU B 128 7.77 3.21 -3.02
N LEU B 129 6.45 3.36 -3.10
CA LEU B 129 5.80 4.61 -2.79
C LEU B 129 5.91 4.84 -1.28
N GLY B 130 6.33 6.03 -0.89
CA GLY B 130 6.46 6.36 0.52
C GLY B 130 5.12 6.28 1.22
N SER B 131 5.16 6.00 2.52
CA SER B 131 3.93 5.81 3.30
C SER B 131 3.11 7.08 3.43
N VAL B 132 3.78 8.24 3.56
CA VAL B 132 3.08 9.52 3.66
C VAL B 132 2.48 9.89 2.30
N ALA B 133 3.27 9.73 1.24
CA ALA B 133 2.79 9.91 -0.11
C ALA B 133 1.55 9.04 -0.40
N GLN B 134 1.62 7.77 -0.03
CA GLN B 134 0.51 6.84 -0.27
C GLN B 134 -0.77 7.30 0.42
N ARG B 135 -0.66 7.69 1.68
CA ARG B 135 -1.82 8.09 2.49
C ARG B 135 -2.38 9.44 2.06
N VAL B 136 -1.52 10.40 1.73
CA VAL B 136 -1.97 11.71 1.25
C VAL B 136 -2.65 11.59 -0.11
N ALA B 137 -2.06 10.83 -1.03
CA ALA B 137 -2.64 10.62 -2.36
C ALA B 137 -4.03 9.98 -2.30
N GLY B 138 -4.25 9.12 -1.32
CA GLY B 138 -5.52 8.43 -1.15
C GLY B 138 -6.60 9.26 -0.47
N SER B 139 -6.19 10.12 0.47
CA SER B 139 -7.14 10.83 1.34
C SER B 139 -7.32 12.33 1.08
N ALA B 140 -6.42 12.95 0.32
CA ALA B 140 -6.54 14.39 0.07
C ALA B 140 -7.83 14.72 -0.68
N HIS B 141 -8.42 15.87 -0.37
CA HIS B 141 -9.65 16.31 -1.02
C HIS B 141 -9.37 16.80 -2.45
N CYS B 142 -8.12 17.18 -2.71
CA CYS B 142 -7.73 17.75 -3.99
C CYS B 142 -6.75 16.82 -4.69
N PRO B 143 -6.40 17.11 -5.96
CA PRO B 143 -5.40 16.29 -6.64
C PRO B 143 -4.04 16.31 -5.96
N VAL B 144 -3.33 15.18 -6.03
CA VAL B 144 -2.02 15.06 -5.42
C VAL B 144 -1.01 14.68 -6.49
N LEU B 145 -0.07 15.58 -6.76
CA LEU B 145 1.01 15.29 -7.69
C LEU B 145 2.15 14.60 -6.96
N VAL B 146 2.36 13.33 -7.27
CA VAL B 146 3.42 12.54 -6.66
C VAL B 146 4.63 12.58 -7.59
N VAL B 147 5.71 13.20 -7.12
CA VAL B 147 6.89 13.45 -7.95
C VAL B 147 7.99 12.49 -7.60
N MET C 1 -3.71 -22.47 19.73
CA MET C 1 -3.93 -21.02 19.99
C MET C 1 -4.99 -20.42 19.06
N PHE C 2 -5.28 -21.12 17.97
CA PHE C 2 -6.35 -20.73 17.05
C PHE C 2 -7.47 -21.75 17.15
N ASN C 3 -8.68 -21.27 17.40
CA ASN C 3 -9.86 -22.14 17.48
C ASN C 3 -10.69 -22.17 16.20
N ARG C 4 -10.67 -21.06 15.44
CA ARG C 4 -11.44 -20.96 14.20
C ARG C 4 -10.66 -20.23 13.11
N ILE C 5 -10.15 -21.00 12.15
CA ILE C 5 -9.30 -20.48 11.08
C ILE C 5 -10.12 -20.30 9.80
N MET C 6 -10.05 -19.10 9.23
CA MET C 6 -10.74 -18.80 7.99
C MET C 6 -9.74 -18.80 6.86
N VAL C 7 -10.13 -19.41 5.74
CA VAL C 7 -9.34 -19.35 4.50
C VAL C 7 -10.25 -18.85 3.38
N PRO C 8 -10.08 -17.57 2.97
CA PRO C 8 -10.78 -17.11 1.78
C PRO C 8 -10.08 -17.62 0.52
N VAL C 9 -10.85 -18.20 -0.39
CA VAL C 9 -10.32 -18.80 -1.61
C VAL C 9 -11.04 -18.24 -2.84
N ASP C 10 -10.30 -18.12 -3.94
CA ASP C 10 -10.82 -17.53 -5.18
C ASP C 10 -10.57 -18.39 -6.42
N GLY C 11 -10.13 -19.62 -6.24
CA GLY C 11 -9.78 -20.49 -7.36
C GLY C 11 -8.36 -20.31 -7.87
N SER C 12 -7.61 -19.39 -7.29
CA SER C 12 -6.24 -19.14 -7.73
C SER C 12 -5.24 -20.11 -7.09
N LYS C 13 -4.08 -20.22 -7.72
CA LYS C 13 -2.98 -21.02 -7.21
C LYS C 13 -2.47 -20.47 -5.88
N GLY C 14 -2.51 -19.14 -5.73
CA GLY C 14 -2.15 -18.50 -4.46
C GLY C 14 -3.06 -18.88 -3.31
N ALA C 15 -4.36 -19.02 -3.59
CA ALA C 15 -5.34 -19.42 -2.58
C ALA C 15 -5.19 -20.90 -2.20
N VAL C 16 -4.74 -21.71 -3.14
CA VAL C 16 -4.41 -23.11 -2.85
C VAL C 16 -3.23 -23.20 -1.87
N LYS C 17 -2.19 -22.39 -2.08
CA LYS C 17 -1.06 -22.36 -1.14
C LYS C 17 -1.49 -21.87 0.24
N ALA C 18 -2.40 -20.90 0.28
CA ALA C 18 -2.95 -20.41 1.54
C ALA C 18 -3.73 -21.51 2.27
N LEU C 19 -4.57 -22.24 1.51
CA LEU C 19 -5.34 -23.35 2.07
C LEU C 19 -4.44 -24.43 2.69
N GLU C 20 -3.36 -24.77 1.99
CA GLU C 20 -2.41 -25.77 2.49
C GLU C 20 -1.77 -25.34 3.81
N LYS C 21 -1.41 -24.07 3.94
CA LYS C 21 -0.89 -23.54 5.21
C LYS C 21 -1.98 -23.50 6.27
N GLY C 22 -3.19 -23.13 5.89
CA GLY C 22 -4.34 -23.17 6.80
C GLY C 22 -4.58 -24.57 7.33
N VAL C 23 -4.48 -25.56 6.45
CA VAL C 23 -4.63 -26.97 6.86
C VAL C 23 -3.51 -27.37 7.83
N GLY C 24 -2.29 -26.94 7.55
CA GLY C 24 -1.15 -27.17 8.46
C GLY C 24 -1.43 -26.67 9.87
N LEU C 25 -1.95 -25.44 9.96
CA LEU C 25 -2.27 -24.84 11.26
C LEU C 25 -3.49 -25.47 11.92
N GLN C 26 -4.45 -25.91 11.10
CA GLN C 26 -5.62 -26.63 11.59
C GLN C 26 -5.19 -27.91 12.31
N GLN C 27 -4.30 -28.66 11.66
CA GLN C 27 -3.83 -29.94 12.19
C GLN C 27 -3.06 -29.76 13.49
N LEU C 28 -2.28 -28.69 13.54
CA LEU C 28 -1.47 -28.35 14.70
C LEU C 28 -2.34 -27.96 15.91
N THR C 29 -3.39 -27.17 15.66
CA THR C 29 -4.23 -26.61 16.72
C THR C 29 -5.55 -27.35 16.93
N GLY C 30 -5.96 -28.16 15.97
CA GLY C 30 -7.26 -28.84 16.01
C GLY C 30 -8.43 -27.89 15.85
N ALA C 31 -8.20 -26.77 15.17
CA ALA C 31 -9.19 -25.72 15.02
C ALA C 31 -10.28 -26.10 14.02
N GLU C 32 -11.37 -25.32 14.02
CA GLU C 32 -12.35 -25.37 12.95
C GLU C 32 -11.78 -24.61 11.76
N LEU C 33 -12.13 -25.06 10.56
CA LEU C 33 -11.66 -24.43 9.32
C LEU C 33 -12.87 -23.94 8.53
N TYR C 34 -12.93 -22.64 8.30
CA TYR C 34 -14.01 -22.01 7.55
C TYR C 34 -13.46 -21.56 6.20
N ILE C 35 -14.07 -22.04 5.13
CA ILE C 35 -13.65 -21.70 3.77
C ILE C 35 -14.70 -20.79 3.14
N LEU C 36 -14.26 -19.67 2.57
CA LEU C 36 -15.18 -18.68 1.99
C LEU C 36 -14.75 -18.29 0.58
N CYS C 37 -15.69 -18.35 -0.36
CA CYS C 37 -15.49 -17.80 -1.69
C CYS C 37 -16.50 -16.70 -1.96
N VAL C 38 -16.00 -15.51 -2.31
CA VAL C 38 -16.85 -14.34 -2.57
C VAL C 38 -17.01 -14.14 -4.09
N PHE C 39 -18.25 -14.00 -4.55
CA PHE C 39 -18.53 -13.69 -5.95
C PHE C 39 -19.06 -12.26 -6.07
N LYS C 40 -18.73 -11.61 -7.18
CA LYS C 40 -19.05 -10.21 -7.39
C LYS C 40 -20.34 -10.05 -8.21
N HIS C 41 -21.45 -9.80 -7.50
CA HIS C 41 -22.75 -9.60 -8.15
C HIS C 41 -22.83 -8.27 -8.91
N ALA C 47 -21.46 -0.29 -10.85
CA ALA C 47 -21.74 0.65 -9.77
C ALA C 47 -21.01 1.99 -9.98
N SER C 48 -19.69 1.94 -10.08
CA SER C 48 -18.87 3.15 -10.23
C SER C 48 -18.34 3.33 -11.66
N LEU C 49 -19.17 2.99 -12.65
CA LEU C 49 -18.80 3.08 -14.05
C LEU C 49 -19.34 4.36 -14.70
N SER C 50 -18.54 4.94 -15.60
CA SER C 50 -18.97 6.12 -16.36
C SER C 50 -19.93 5.73 -17.50
N MET C 51 -19.79 4.50 -17.99
CA MET C 51 -20.66 3.95 -19.03
C MET C 51 -21.00 2.50 -18.71
N ALA C 52 -22.18 2.06 -19.13
CA ALA C 52 -22.61 0.68 -18.88
C ALA C 52 -21.70 -0.33 -19.57
N ARG C 53 -21.52 -1.49 -18.94
CA ARG C 53 -20.76 -2.57 -19.56
C ARG C 53 -21.52 -3.10 -20.78
N PRO C 54 -20.80 -3.46 -21.86
CA PRO C 54 -21.49 -4.03 -23.02
C PRO C 54 -22.21 -5.32 -22.68
N GLU C 55 -23.37 -5.54 -23.29
CA GLU C 55 -24.17 -6.76 -23.09
C GLU C 55 -23.33 -8.01 -23.38
N GLN C 56 -22.46 -7.92 -24.38
CA GLN C 56 -21.52 -8.98 -24.73
C GLN C 56 -20.71 -9.50 -23.54
N LEU C 57 -20.35 -8.61 -22.62
CA LEU C 57 -19.71 -9.03 -21.37
C LEU C 57 -20.78 -9.51 -20.38
N PRO C 60 -24.35 -13.49 -15.97
CA PRO C 60 -25.34 -14.10 -15.09
C PRO C 60 -24.82 -14.28 -13.66
N ASP C 61 -25.55 -13.72 -12.68
CA ASP C 61 -25.15 -13.80 -11.27
C ASP C 61 -25.15 -15.23 -10.73
N ASP C 62 -26.04 -16.08 -11.27
CA ASP C 62 -26.10 -17.48 -10.88
CA ASP C 62 -26.10 -17.48 -10.88
C ASP C 62 -24.85 -18.24 -11.34
N ALA C 63 -24.30 -17.85 -12.48
CA ALA C 63 -23.08 -18.45 -13.02
C ALA C 63 -21.88 -18.16 -12.12
N LEU C 64 -21.74 -16.91 -11.68
CA LEU C 64 -20.65 -16.52 -10.78
C LEU C 64 -20.80 -17.18 -9.41
N LYS C 65 -22.04 -17.30 -8.95
CA LYS C 65 -22.34 -17.98 -7.70
C LYS C 65 -22.02 -19.47 -7.80
N ASP C 66 -22.47 -20.11 -8.87
CA ASP C 66 -22.16 -21.52 -9.12
C ASP C 66 -20.65 -21.76 -9.19
N TYR C 67 -19.92 -20.83 -9.80
CA TYR C 67 -18.47 -20.93 -9.90
C TYR C 67 -17.82 -20.81 -8.53
N ALA C 68 -18.29 -19.83 -7.74
CA ALA C 68 -17.81 -19.65 -6.38
C ALA C 68 -18.10 -20.88 -5.52
N THR C 69 -19.27 -21.49 -5.74
CA THR C 69 -19.64 -22.72 -5.04
C THR C 69 -18.69 -23.87 -5.39
N GLU C 70 -18.37 -24.02 -6.67
CA GLU C 70 -17.40 -25.01 -7.14
C GLU C 70 -16.03 -24.80 -6.47
N ILE C 71 -15.61 -23.55 -6.37
CA ILE C 71 -14.33 -23.22 -5.73
C ILE C 71 -14.35 -23.59 -4.24
N ALA C 72 -15.43 -23.23 -3.56
CA ALA C 72 -15.55 -23.49 -2.12
C ALA C 72 -15.59 -24.99 -1.80
N VAL C 73 -16.38 -25.74 -2.57
CA VAL C 73 -16.52 -27.18 -2.39
C VAL C 73 -15.20 -27.91 -2.66
N GLN C 74 -14.52 -27.49 -3.71
CA GLN C 74 -13.21 -28.04 -4.05
C GLN C 74 -12.20 -27.80 -2.94
N ALA C 75 -12.18 -26.59 -2.40
CA ALA C 75 -11.27 -26.25 -1.31
C ALA C 75 -11.58 -27.07 -0.04
N LYS C 76 -12.86 -27.22 0.27
CA LYS C 76 -13.28 -28.06 1.41
C LYS C 76 -12.84 -29.50 1.20
N THR C 77 -13.06 -30.00 -0.02
CA THR C 77 -12.68 -31.36 -0.37
C THR C 77 -11.17 -31.56 -0.24
N ARG C 78 -10.39 -30.58 -0.70
CA ARG C 78 -8.93 -30.66 -0.64
C ARG C 78 -8.44 -30.59 0.81
N ALA C 79 -9.08 -29.77 1.63
CA ALA C 79 -8.71 -29.68 3.06
C ALA C 79 -8.83 -31.05 3.74
N THR C 80 -9.89 -31.79 3.41
CA THR C 80 -10.11 -33.12 3.99
C THR C 80 -9.13 -34.16 3.43
N GLU C 81 -8.78 -34.06 2.15
CA GLU C 81 -7.75 -34.91 1.55
C GLU C 81 -6.39 -34.73 2.22
N LEU C 82 -6.11 -33.50 2.64
CA LEU C 82 -4.85 -33.16 3.30
C LEU C 82 -4.87 -33.45 4.81
N GLY C 83 -6.02 -33.86 5.34
CA GLY C 83 -6.11 -34.39 6.70
C GLY C 83 -7.11 -33.74 7.64
N VAL C 84 -7.80 -32.70 7.20
CA VAL C 84 -8.78 -32.04 8.06
C VAL C 84 -10.04 -32.89 8.13
N PRO C 85 -10.48 -33.25 9.35
CA PRO C 85 -11.73 -33.99 9.45
C PRO C 85 -12.87 -33.25 8.74
N ALA C 86 -13.72 -34.00 8.04
CA ALA C 86 -14.82 -33.42 7.27
C ALA C 86 -15.75 -32.54 8.10
N ASP C 87 -15.98 -32.93 9.35
CA ASP C 87 -16.88 -32.19 10.25
C ASP C 87 -16.24 -30.94 10.87
N LYS C 88 -14.92 -30.79 10.72
CA LYS C 88 -14.20 -29.60 11.18
C LYS C 88 -14.10 -28.50 10.11
N VAL C 89 -14.40 -28.84 8.86
CA VAL C 89 -14.29 -27.87 7.76
C VAL C 89 -15.67 -27.56 7.17
N ARG C 90 -15.99 -26.27 7.10
CA ARG C 90 -17.24 -25.78 6.54
C ARG C 90 -16.96 -24.79 5.40
N ALA C 91 -17.70 -24.94 4.31
CA ALA C 91 -17.54 -24.09 3.13
C ALA C 91 -18.69 -23.09 3.04
N PHE C 92 -18.37 -21.86 2.67
CA PHE C 92 -19.35 -20.78 2.54
C PHE C 92 -19.15 -20.04 1.23
N VAL C 93 -20.25 -19.62 0.62
CA VAL C 93 -20.24 -18.79 -0.58
C VAL C 93 -21.08 -17.55 -0.30
N LYS C 94 -20.51 -16.37 -0.56
CA LYS C 94 -21.18 -15.11 -0.28
C LYS C 94 -21.01 -14.12 -1.42
N GLY C 95 -22.03 -13.29 -1.60
CA GLY C 95 -22.00 -12.24 -2.63
C GLY C 95 -21.58 -10.92 -2.03
N GLY C 96 -20.75 -10.18 -2.75
CA GLY C 96 -20.38 -8.83 -2.34
C GLY C 96 -18.97 -8.44 -2.70
N ARG C 97 -18.43 -7.49 -1.95
CA ARG C 97 -17.10 -6.96 -2.16
C ARG C 97 -16.09 -7.84 -1.44
N PRO C 98 -15.19 -8.51 -2.18
CA PRO C 98 -14.32 -9.53 -1.58
C PRO C 98 -13.65 -9.11 -0.27
N SER C 99 -12.86 -8.04 -0.30
CA SER C 99 -12.11 -7.61 0.90
C SER C 99 -13.05 -7.30 2.06
N ARG C 100 -14.10 -6.53 1.77
CA ARG C 100 -15.08 -6.15 2.78
C ARG C 100 -15.84 -7.37 3.32
N THR C 101 -16.29 -8.22 2.43
CA THR C 101 -17.03 -9.44 2.81
C THR C 101 -16.17 -10.38 3.65
N ILE C 102 -14.92 -10.58 3.23
CA ILE C 102 -13.97 -11.40 4.00
C ILE C 102 -13.79 -10.88 5.42
N VAL C 103 -13.55 -9.58 5.55
CA VAL C 103 -13.39 -8.96 6.87
C VAL C 103 -14.70 -9.06 7.66
N ARG C 104 -15.80 -8.72 7.01
CA ARG C 104 -17.13 -8.86 7.61
C ARG C 104 -17.36 -10.30 8.09
N PHE C 105 -17.03 -11.28 7.26
CA PHE C 105 -17.19 -12.70 7.62
C PHE C 105 -16.35 -13.06 8.84
N ALA C 106 -15.08 -12.67 8.85
CA ALA C 106 -14.17 -13.01 9.94
C ALA C 106 -14.66 -12.49 11.28
N ARG C 107 -15.21 -11.27 11.28
CA ARG C 107 -15.74 -10.66 12.50
C ARG C 107 -17.00 -11.39 12.97
N LYS C 108 -17.98 -11.50 12.09
CA LYS C 108 -19.25 -12.19 12.40
C LYS C 108 -19.04 -13.62 12.96
N ARG C 109 -18.24 -14.41 12.24
CA ARG C 109 -18.06 -15.82 12.57
C ARG C 109 -17.08 -16.09 13.71
N GLU C 110 -16.53 -15.03 14.32
CA GLU C 110 -15.58 -15.16 15.42
C GLU C 110 -14.39 -16.03 15.06
N CYS C 111 -13.81 -15.76 13.89
CA CYS C 111 -12.57 -16.39 13.45
C CYS C 111 -11.39 -15.66 14.10
N ASP C 112 -10.42 -16.41 14.61
CA ASP C 112 -9.22 -15.83 15.23
C ASP C 112 -7.98 -15.90 14.35
N LEU C 113 -8.15 -16.36 13.11
CA LEU C 113 -7.09 -16.34 12.11
C LEU C 113 -7.68 -16.33 10.72
N VAL C 114 -7.18 -15.45 9.88
CA VAL C 114 -7.46 -15.48 8.45
C VAL C 114 -6.17 -15.88 7.75
N VAL C 115 -6.23 -16.89 6.89
CA VAL C 115 -5.09 -17.30 6.10
C VAL C 115 -5.42 -17.02 4.63
N ILE C 116 -4.65 -16.12 4.02
CA ILE C 116 -5.00 -15.57 2.72
C ILE C 116 -3.79 -15.62 1.80
N GLY C 117 -4.03 -15.81 0.52
CA GLY C 117 -2.96 -15.80 -0.46
C GLY C 117 -2.37 -14.40 -0.59
N ALA C 118 -1.07 -14.32 -0.83
CA ALA C 118 -0.43 -13.03 -1.11
C ALA C 118 -0.96 -12.49 -2.45
N GLN C 119 -1.14 -13.39 -3.41
CA GLN C 119 -1.73 -13.03 -4.70
C GLN C 119 -2.88 -13.98 -5.04
N GLY C 120 -3.63 -13.59 -6.07
CA GLY C 120 -4.86 -14.28 -6.43
C GLY C 120 -4.93 -14.58 -7.91
N THR C 121 -6.06 -14.23 -8.53
CA THR C 121 -6.32 -14.59 -9.92
C THR C 121 -5.51 -13.77 -10.93
N ASN C 122 -4.79 -12.75 -10.46
CA ASN C 122 -3.86 -11.98 -11.30
C ASN C 122 -2.39 -12.16 -10.92
N GLY C 123 -2.11 -13.01 -9.93
CA GLY C 123 -0.76 -13.20 -9.43
C GLY C 123 0.25 -13.64 -10.47
N LEU C 129 1.79 -7.28 -2.91
CA LEU C 129 0.56 -7.73 -2.28
C LEU C 129 -0.62 -7.56 -3.22
N GLY C 130 -1.45 -8.60 -3.33
CA GLY C 130 -2.73 -8.47 -4.00
C GLY C 130 -3.60 -7.45 -3.28
N SER C 131 -4.48 -6.80 -4.02
CA SER C 131 -5.32 -5.73 -3.48
C SER C 131 -6.22 -6.20 -2.34
N VAL C 132 -6.76 -7.41 -2.48
CA VAL C 132 -7.62 -7.99 -1.44
C VAL C 132 -6.81 -8.39 -0.21
N ALA C 133 -5.66 -9.02 -0.43
CA ALA C 133 -4.76 -9.38 0.67
C ALA C 133 -4.32 -8.16 1.46
N GLN C 134 -3.97 -7.08 0.75
CA GLN C 134 -3.53 -5.84 1.39
C GLN C 134 -4.62 -5.28 2.30
N ARG C 135 -5.85 -5.23 1.80
CA ARG C 135 -6.97 -4.66 2.55
C ARG C 135 -7.33 -5.49 3.77
N VAL C 136 -7.36 -6.82 3.60
CA VAL C 136 -7.71 -7.74 4.67
C VAL C 136 -6.69 -7.72 5.80
N ALA C 137 -5.40 -7.75 5.45
CA ALA C 137 -4.33 -7.72 6.45
C ALA C 137 -4.42 -6.49 7.33
N GLY C 138 -4.77 -5.36 6.74
CA GLY C 138 -4.92 -4.11 7.46
C GLY C 138 -6.18 -4.03 8.30
N SER C 139 -7.30 -4.51 7.76
CA SER C 139 -8.61 -4.21 8.33
C SER C 139 -9.28 -5.36 9.10
N ALA C 140 -8.69 -6.56 9.04
CA ALA C 140 -9.26 -7.71 9.76
C ALA C 140 -9.05 -7.55 11.26
N HIS C 141 -10.03 -7.99 12.04
CA HIS C 141 -10.00 -7.85 13.50
C HIS C 141 -8.99 -8.79 14.17
N CYS C 142 -8.63 -9.86 13.48
CA CYS C 142 -7.73 -10.89 14.01
C CYS C 142 -6.43 -10.92 13.21
N PRO C 143 -5.46 -11.74 13.63
CA PRO C 143 -4.25 -11.92 12.82
C PRO C 143 -4.52 -12.47 11.42
N VAL C 144 -3.74 -12.01 10.45
CA VAL C 144 -3.87 -12.46 9.06
C VAL C 144 -2.54 -13.07 8.62
N LEU C 145 -2.57 -14.35 8.26
CA LEU C 145 -1.40 -15.01 7.67
C LEU C 145 -1.44 -14.84 6.16
N VAL C 146 -0.51 -14.04 5.64
CA VAL C 146 -0.37 -13.82 4.21
C VAL C 146 0.65 -14.82 3.66
N VAL C 147 0.20 -15.70 2.77
CA VAL C 147 1.01 -16.80 2.27
C VAL C 147 1.46 -16.52 0.84
N MET D 1 5.01 -27.44 11.89
CA MET D 1 5.14 -27.03 10.45
C MET D 1 6.16 -25.91 10.26
N PHE D 2 6.38 -25.13 11.32
CA PHE D 2 7.38 -24.06 11.31
C PHE D 2 8.58 -24.47 12.16
N ASN D 3 9.76 -24.43 11.54
CA ASN D 3 11.00 -24.74 12.25
C ASN D 3 11.75 -23.49 12.73
N ARG D 4 11.56 -22.38 12.01
CA ARG D 4 12.31 -21.15 12.26
C ARG D 4 11.45 -19.90 12.06
N ILE D 5 10.98 -19.34 13.18
CA ILE D 5 10.05 -18.23 13.19
C ILE D 5 10.81 -16.93 13.50
N MET D 6 10.63 -15.92 12.66
CA MET D 6 11.27 -14.62 12.87
C MET D 6 10.24 -13.61 13.37
N VAL D 7 10.61 -12.86 14.41
CA VAL D 7 9.82 -11.73 14.88
C VAL D 7 10.65 -10.44 14.77
N PRO D 8 10.38 -9.62 13.73
CA PRO D 8 10.97 -8.29 13.71
C PRO D 8 10.31 -7.41 14.77
N VAL D 9 11.13 -6.76 15.59
CA VAL D 9 10.64 -5.91 16.68
C VAL D 9 11.22 -4.50 16.57
N ASP D 10 10.41 -3.51 16.92
CA ASP D 10 10.78 -2.09 16.81
C ASP D 10 10.61 -1.28 18.09
N GLY D 11 10.39 -1.96 19.21
CA GLY D 11 10.16 -1.27 20.49
C GLY D 11 8.77 -0.69 20.64
N SER D 12 7.82 -1.16 19.83
CA SER D 12 6.44 -0.72 19.90
C SER D 12 5.55 -1.76 20.59
N LYS D 13 4.38 -1.32 21.05
CA LYS D 13 3.40 -2.23 21.64
C LYS D 13 2.89 -3.25 20.60
N GLY D 14 2.75 -2.79 19.35
CA GLY D 14 2.36 -3.65 18.24
C GLY D 14 3.34 -4.80 18.05
N ALA D 15 4.63 -4.51 18.16
CA ALA D 15 5.67 -5.54 18.05
C ALA D 15 5.65 -6.53 19.22
N VAL D 16 5.32 -6.04 20.41
CA VAL D 16 5.17 -6.91 21.59
C VAL D 16 4.05 -7.92 21.36
N LYS D 17 2.93 -7.47 20.81
CA LYS D 17 1.81 -8.36 20.49
C LYS D 17 2.20 -9.39 19.41
N ALA D 18 2.98 -8.95 18.42
CA ALA D 18 3.53 -9.88 17.44
C ALA D 18 4.41 -10.92 18.12
N LEU D 19 5.29 -10.47 19.01
CA LEU D 19 6.16 -11.37 19.76
C LEU D 19 5.37 -12.39 20.56
N GLU D 20 4.29 -11.95 21.19
CA GLU D 20 3.43 -12.87 21.97
C GLU D 20 2.81 -13.98 21.13
N LYS D 21 2.43 -13.67 19.88
CA LYS D 21 1.90 -14.66 18.96
C LYS D 21 3.00 -15.59 18.40
N GLY D 22 4.17 -15.02 18.15
CA GLY D 22 5.35 -15.79 17.76
C GLY D 22 5.74 -16.81 18.82
N VAL D 23 5.65 -16.41 20.09
CA VAL D 23 5.89 -17.31 21.22
C VAL D 23 4.87 -18.44 21.24
N GLY D 24 3.59 -18.09 21.07
CA GLY D 24 2.51 -19.07 21.01
C GLY D 24 2.74 -20.13 19.94
N LEU D 25 3.20 -19.70 18.77
CA LEU D 25 3.49 -20.62 17.67
C LEU D 25 4.79 -21.40 17.89
N GLN D 26 5.74 -20.79 18.60
CA GLN D 26 6.99 -21.47 18.97
C GLN D 26 6.69 -22.66 19.88
N GLN D 27 5.86 -22.43 20.90
CA GLN D 27 5.54 -23.47 21.88
C GLN D 27 4.67 -24.58 21.29
N LEU D 28 4.00 -24.27 20.19
CA LEU D 28 3.18 -25.24 19.48
C LEU D 28 4.03 -26.09 18.51
N THR D 29 5.17 -25.56 18.06
CA THR D 29 6.00 -26.22 17.05
C THR D 29 7.41 -26.61 17.50
N GLY D 30 7.87 -26.07 18.64
CA GLY D 30 9.25 -26.26 19.08
C GLY D 30 10.29 -25.60 18.18
N ALA D 31 9.85 -24.61 17.39
CA ALA D 31 10.72 -23.97 16.40
C ALA D 31 11.76 -23.06 17.06
N GLU D 32 12.80 -22.71 16.32
CA GLU D 32 13.71 -21.64 16.72
C GLU D 32 12.97 -20.31 16.57
N LEU D 33 13.23 -19.40 17.51
CA LEU D 33 12.65 -18.06 17.47
C LEU D 33 13.75 -17.03 17.21
N TYR D 34 13.71 -16.42 16.02
CA TYR D 34 14.65 -15.38 15.63
C TYR D 34 14.03 -14.01 15.89
N ILE D 35 14.78 -13.14 16.57
CA ILE D 35 14.31 -11.79 16.88
C ILE D 35 15.25 -10.81 16.18
N LEU D 36 14.68 -9.85 15.46
CA LEU D 36 15.49 -8.84 14.76
C LEU D 36 14.96 -7.43 15.01
N CYS D 37 15.86 -6.53 15.40
CA CYS D 37 15.56 -5.10 15.44
C CYS D 37 16.51 -4.39 14.48
N VAL D 38 15.93 -3.69 13.52
CA VAL D 38 16.68 -2.96 12.51
C VAL D 38 16.79 -1.50 12.91
N PHE D 39 17.98 -0.93 12.81
CA PHE D 39 18.18 0.48 13.07
C PHE D 39 18.62 1.16 11.78
N LYS D 40 18.36 2.47 11.67
CA LYS D 40 18.77 3.26 10.52
C LYS D 40 20.14 3.87 10.77
N HIS D 41 21.09 3.62 9.87
CA HIS D 41 22.43 4.20 9.98
C HIS D 41 22.71 5.17 8.85
N ALA D 47 22.55 8.45 1.92
CA ALA D 47 22.13 9.83 2.13
C ALA D 47 21.02 10.22 1.15
N SER D 48 19.77 10.18 1.62
CA SER D 48 18.63 10.65 0.84
C SER D 48 18.10 11.99 1.37
N LEU D 49 18.98 12.76 2.01
CA LEU D 49 18.65 14.09 2.53
C LEU D 49 19.24 15.14 1.61
N SER D 50 18.49 16.22 1.40
CA SER D 50 18.94 17.33 0.56
C SER D 50 20.11 18.08 1.21
N MET D 51 20.08 18.16 2.55
CA MET D 51 21.13 18.83 3.31
C MET D 51 21.35 18.09 4.64
N ALA D 52 22.55 18.22 5.19
CA ALA D 52 22.91 17.52 6.43
C ALA D 52 22.11 18.02 7.63
N ARG D 53 21.85 17.11 8.57
CA ARG D 53 21.08 17.41 9.78
C ARG D 53 21.87 18.30 10.75
N PRO D 54 21.18 18.92 11.74
CA PRO D 54 21.85 19.72 12.76
C PRO D 54 23.00 18.99 13.46
N GLN D 56 23.62 17.75 17.29
CA GLN D 56 22.30 18.17 17.75
C GLN D 56 21.26 17.12 17.38
N LEU D 57 21.02 16.94 16.08
CA LEU D 57 20.09 15.94 15.58
C LEU D 57 20.82 14.68 15.11
N ASP D 58 22.09 14.83 14.73
CA ASP D 58 22.92 13.68 14.34
C ASP D 58 23.20 12.78 15.55
N ILE D 59 22.26 11.88 15.81
CA ILE D 59 22.41 10.88 16.87
C ILE D 59 23.48 9.88 16.45
N PRO D 60 24.52 9.69 17.29
CA PRO D 60 25.58 8.75 16.94
C PRO D 60 25.09 7.36 16.52
N ASP D 61 25.81 6.74 15.59
CA ASP D 61 25.50 5.39 15.12
C ASP D 61 25.36 4.42 16.29
N ASP D 62 26.20 4.59 17.31
CA ASP D 62 26.15 3.76 18.51
C ASP D 62 24.85 3.95 19.30
N ALA D 63 24.30 5.17 19.26
CA ALA D 63 23.06 5.47 19.98
C ALA D 63 21.85 4.73 19.40
N LEU D 64 21.68 4.81 18.08
CA LEU D 64 20.58 4.13 17.40
C LEU D 64 20.77 2.61 17.48
N LYS D 65 22.02 2.17 17.40
CA LYS D 65 22.37 0.75 17.51
C LYS D 65 22.17 0.23 18.93
N ASP D 66 22.55 1.02 19.94
CA ASP D 66 22.33 0.63 21.34
C ASP D 66 20.84 0.55 21.68
N TYR D 67 20.04 1.46 21.12
CA TYR D 67 18.59 1.42 21.31
C TYR D 67 18.01 0.16 20.68
N ALA D 68 18.40 -0.13 19.44
CA ALA D 68 17.98 -1.35 18.76
C ALA D 68 18.41 -2.58 19.57
N THR D 69 19.61 -2.52 20.14
CA THR D 69 20.11 -3.62 20.97
C THR D 69 19.27 -3.80 22.22
N GLU D 70 18.90 -2.70 22.88
CA GLU D 70 18.04 -2.78 24.07
C GLU D 70 16.70 -3.39 23.71
N ILE D 71 16.15 -3.01 22.56
CA ILE D 71 14.86 -3.54 22.10
C ILE D 71 14.95 -5.04 21.87
N ALA D 72 16.02 -5.48 21.20
CA ALA D 72 16.23 -6.89 20.91
C ALA D 72 16.40 -7.72 22.19
N VAL D 73 17.14 -7.16 23.16
CA VAL D 73 17.35 -7.86 24.44
C VAL D 73 16.06 -7.99 25.25
N GLN D 74 15.25 -6.94 25.29
CA GLN D 74 13.94 -6.98 25.94
C GLN D 74 13.06 -8.09 25.35
N ALA D 75 13.00 -8.13 24.01
CA ALA D 75 12.21 -9.14 23.30
C ALA D 75 12.69 -10.56 23.60
N LYS D 76 14.01 -10.75 23.63
CA LYS D 76 14.60 -12.06 23.93
C LYS D 76 14.31 -12.46 25.38
N THR D 77 14.47 -11.51 26.30
CA THR D 77 14.16 -11.73 27.71
C THR D 77 12.67 -12.02 27.88
N ARG D 78 11.84 -11.25 27.19
CA ARG D 78 10.39 -11.40 27.31
C ARG D 78 9.92 -12.72 26.72
N ALA D 79 10.56 -13.17 25.64
CA ALA D 79 10.26 -14.47 25.05
C ALA D 79 10.47 -15.61 26.03
N THR D 80 11.55 -15.53 26.81
CA THR D 80 11.86 -16.55 27.82
C THR D 80 10.91 -16.47 29.02
N GLU D 81 10.52 -15.25 29.40
CA GLU D 81 9.50 -15.05 30.45
C GLU D 81 8.13 -15.63 30.06
N LEU D 82 7.84 -15.69 28.77
CA LEU D 82 6.57 -16.25 28.29
C LEU D 82 6.62 -17.75 28.00
N GLY D 83 7.80 -18.36 28.09
CA GLY D 83 7.93 -19.82 27.99
C GLY D 83 8.89 -20.39 26.96
N VAL D 84 9.44 -19.55 26.09
CA VAL D 84 10.39 -20.05 25.09
C VAL D 84 11.73 -20.31 25.76
N PRO D 85 12.32 -21.50 25.55
CA PRO D 85 13.64 -21.75 26.12
C PRO D 85 14.69 -20.74 25.65
N ALA D 86 15.63 -20.41 26.53
CA ALA D 86 16.66 -19.42 26.19
C ALA D 86 17.49 -19.81 24.96
N ASP D 87 17.85 -21.08 24.84
CA ASP D 87 18.69 -21.55 23.73
C ASP D 87 17.96 -21.61 22.37
N LYS D 88 16.63 -21.45 22.38
CA LYS D 88 15.86 -21.43 21.13
C LYS D 88 15.57 -20.00 20.66
N VAL D 89 15.95 -19.00 21.45
CA VAL D 89 15.75 -17.60 21.08
C VAL D 89 17.09 -16.96 20.70
N ARG D 90 17.16 -16.45 19.48
CA ARG D 90 18.37 -15.83 18.95
C ARG D 90 18.04 -14.42 18.48
N ALA D 91 18.63 -13.43 19.15
CA ALA D 91 18.31 -12.02 18.93
C ALA D 91 19.41 -11.34 18.14
N PHE D 92 19.00 -10.51 17.18
CA PHE D 92 19.91 -9.86 16.25
C PHE D 92 19.60 -8.38 16.16
N VAL D 93 20.62 -7.60 15.84
CA VAL D 93 20.50 -6.19 15.54
C VAL D 93 21.22 -5.96 14.20
N LYS D 94 20.54 -5.31 13.25
CA LYS D 94 21.12 -5.02 11.94
C LYS D 94 20.79 -3.60 11.48
N GLY D 95 21.72 -2.97 10.77
CA GLY D 95 21.52 -1.63 10.25
C GLY D 95 21.00 -1.68 8.83
N GLY D 96 20.03 -0.84 8.51
CA GLY D 96 19.54 -0.72 7.15
C GLY D 96 18.09 -0.30 7.08
N ARG D 97 17.48 -0.51 5.91
CA ARG D 97 16.08 -0.19 5.68
C ARG D 97 15.27 -1.36 6.24
N PRO D 98 14.34 -1.09 7.18
CA PRO D 98 13.71 -2.19 7.92
C PRO D 98 13.04 -3.28 7.06
N SER D 99 12.13 -2.90 6.16
CA SER D 99 11.41 -3.89 5.35
C SER D 99 12.38 -4.75 4.55
N ARG D 100 13.29 -4.09 3.84
CA ARG D 100 14.29 -4.78 3.02
CA ARG D 100 14.31 -4.76 3.02
C ARG D 100 15.20 -5.67 3.87
N THR D 101 15.63 -5.15 5.03
CA THR D 101 16.52 -5.89 5.91
C THR D 101 15.82 -7.11 6.53
N ILE D 102 14.57 -6.94 6.93
CA ILE D 102 13.76 -8.05 7.46
C ILE D 102 13.62 -9.17 6.43
N VAL D 103 13.23 -8.80 5.22
CA VAL D 103 12.95 -9.79 4.17
C VAL D 103 14.21 -10.52 3.72
N ARG D 104 15.33 -9.79 3.62
CA ARG D 104 16.61 -10.39 3.26
C ARG D 104 17.11 -11.34 4.34
N PHE D 105 16.98 -10.92 5.60
CA PHE D 105 17.42 -11.71 6.75
C PHE D 105 16.62 -13.01 6.84
N ALA D 106 15.30 -12.91 6.70
CA ALA D 106 14.42 -14.09 6.74
C ALA D 106 14.80 -15.14 5.70
N ARG D 107 15.10 -14.68 4.49
CA ARG D 107 15.50 -15.57 3.38
C ARG D 107 16.87 -16.19 3.63
N LYS D 108 17.88 -15.35 3.85
CA LYS D 108 19.25 -15.83 4.08
C LYS D 108 19.32 -16.81 5.26
N ARG D 109 18.47 -16.58 6.25
CA ARG D 109 18.46 -17.39 7.46
C ARG D 109 17.42 -18.52 7.40
N GLU D 110 16.75 -18.66 6.25
CA GLU D 110 15.80 -19.73 6.00
C GLU D 110 14.70 -19.83 7.07
N CYS D 111 14.19 -18.69 7.46
CA CYS D 111 12.99 -18.64 8.30
C CYS D 111 11.81 -19.07 7.45
N ASP D 112 10.87 -19.80 8.04
CA ASP D 112 9.67 -20.24 7.32
C ASP D 112 8.41 -19.50 7.79
N LEU D 113 8.58 -18.58 8.73
CA LEU D 113 7.50 -17.69 9.16
C LEU D 113 8.08 -16.38 9.66
N VAL D 114 7.46 -15.27 9.25
CA VAL D 114 7.73 -13.96 9.82
C VAL D 114 6.46 -13.52 10.55
N VAL D 115 6.57 -13.22 11.85
CA VAL D 115 5.46 -12.69 12.62
C VAL D 115 5.72 -11.21 12.92
N ILE D 116 4.86 -10.34 12.39
CA ILE D 116 5.10 -8.90 12.41
C ILE D 116 3.88 -8.14 12.91
N GLY D 117 4.12 -7.01 13.58
CA GLY D 117 3.04 -6.18 14.06
C GLY D 117 2.30 -5.55 12.90
N ALA D 118 0.98 -5.40 13.04
CA ALA D 118 0.17 -4.68 12.06
C ALA D 118 0.55 -3.20 12.14
N GLN D 119 0.81 -2.75 13.35
CA GLN D 119 1.29 -1.39 13.61
C GLN D 119 2.52 -1.38 14.51
N GLY D 120 3.17 -0.23 14.55
CA GLY D 120 4.47 -0.07 15.19
C GLY D 120 4.55 1.20 16.00
N THR D 121 5.70 1.88 15.94
CA THR D 121 5.93 3.06 16.80
C THR D 121 5.05 4.24 16.41
N ASN D 122 4.54 4.24 15.17
CA ASN D 122 3.59 5.24 14.70
C ASN D 122 2.16 4.73 14.73
N GLY D 123 1.88 3.77 15.62
CA GLY D 123 0.54 3.20 15.74
C GLY D 123 -0.43 4.21 16.34
N ASP D 124 -1.57 4.40 15.66
CA ASP D 124 -2.61 5.31 16.13
C ASP D 124 -3.81 4.55 16.70
N LYS D 125 -3.61 3.26 16.96
CA LYS D 125 -4.66 2.37 17.47
C LYS D 125 -5.87 2.26 16.53
N SER D 126 -5.60 2.26 15.23
CA SER D 126 -6.63 2.15 14.20
C SER D 126 -6.35 0.96 13.28
N LEU D 127 -7.15 0.83 12.22
CA LEU D 127 -7.02 -0.27 11.27
C LEU D 127 -5.95 -0.02 10.18
N LEU D 128 -5.16 1.05 10.33
CA LEU D 128 -4.13 1.36 9.35
C LEU D 128 -3.00 0.33 9.41
N LEU D 129 -2.78 -0.36 8.28
CA LEU D 129 -1.68 -1.30 8.16
C LEU D 129 -0.37 -0.52 8.05
N GLY D 130 0.59 -0.86 8.91
CA GLY D 130 1.88 -0.18 8.92
C GLY D 130 2.64 -0.40 7.63
N SER D 131 3.50 0.55 7.29
CA SER D 131 4.23 0.51 6.02
C SER D 131 5.28 -0.61 5.99
N VAL D 132 5.91 -0.89 7.13
CA VAL D 132 6.87 -2.00 7.18
C VAL D 132 6.10 -3.32 7.06
N ALA D 133 5.01 -3.45 7.81
CA ALA D 133 4.15 -4.63 7.69
C ALA D 133 3.69 -4.86 6.25
N GLN D 134 3.24 -3.79 5.59
CA GLN D 134 2.76 -3.87 4.22
C GLN D 134 3.83 -4.43 3.27
N ARG D 135 5.02 -3.85 3.34
CA ARG D 135 6.13 -4.22 2.45
C ARG D 135 6.66 -5.62 2.71
N VAL D 136 6.77 -5.99 3.98
CA VAL D 136 7.23 -7.33 4.35
C VAL D 136 6.21 -8.39 3.94
N ALA D 137 4.93 -8.14 4.19
CA ALA D 137 3.87 -9.09 3.80
C ALA D 137 3.91 -9.36 2.31
N GLY D 138 4.15 -8.32 1.52
CA GLY D 138 4.23 -8.43 0.06
C GLY D 138 5.49 -9.09 -0.47
N SER D 139 6.64 -8.81 0.14
CA SER D 139 7.94 -9.19 -0.44
C SER D 139 8.60 -10.42 0.19
N ALA D 140 8.18 -10.81 1.39
CA ALA D 140 8.81 -11.94 2.08
C ALA D 140 8.67 -13.24 1.28
N HIS D 141 9.70 -14.08 1.38
CA HIS D 141 9.74 -15.35 0.66
C HIS D 141 8.88 -16.42 1.33
N CYS D 142 8.54 -16.20 2.60
CA CYS D 142 7.80 -17.15 3.41
C CYS D 142 6.50 -16.50 3.89
N PRO D 143 5.62 -17.28 4.53
CA PRO D 143 4.39 -16.68 5.07
C PRO D 143 4.67 -15.61 6.11
N VAL D 144 3.83 -14.58 6.11
CA VAL D 144 3.94 -13.47 7.05
C VAL D 144 2.65 -13.35 7.85
N LEU D 145 2.76 -13.50 9.16
CA LEU D 145 1.63 -13.35 10.06
C LEU D 145 1.58 -11.93 10.57
N VAL D 146 0.57 -11.19 10.12
CA VAL D 146 0.38 -9.81 10.50
C VAL D 146 -0.56 -9.76 11.70
N VAL D 147 -0.04 -9.33 12.84
CA VAL D 147 -0.75 -9.38 14.11
C VAL D 147 -1.22 -7.99 14.50
PG ATP E . -8.83 -1.95 -6.90
O1G ATP E . -8.59 -2.21 -8.37
O2G ATP E . -9.96 -2.75 -6.29
O3G ATP E . -7.57 -1.96 -6.05
PB ATP E . -9.98 0.41 -7.98
O1B ATP E . -11.09 1.25 -7.41
O2B ATP E . -10.23 -0.46 -9.18
O3B ATP E . -9.33 -0.43 -6.76
PA ATP E . -7.65 1.31 -9.43
O1A ATP E . -7.81 0.09 -10.28
O2A ATP E . -6.32 1.59 -8.78
O3A ATP E . -8.77 1.44 -8.27
O5' ATP E . -8.00 2.58 -10.37
C5' ATP E . -7.44 3.88 -10.18
C4' ATP E . -7.18 4.51 -11.54
O4' ATP E . -6.19 3.74 -12.23
C3' ATP E . -8.38 4.55 -12.47
O3' ATP E . -9.26 5.65 -12.22
C2' ATP E . -7.70 4.63 -13.81
O2' ATP E . -7.32 5.99 -14.05
C1' ATP E . -6.48 3.75 -13.64
N9 ATP E . -6.71 2.37 -14.11
C8 ATP E . -7.09 1.30 -13.39
N7 ATP E . -7.19 0.19 -14.17
C5 ATP E . -6.87 0.56 -15.42
C6 ATP E . -6.79 -0.09 -16.75
N6 ATP E . -7.05 -1.40 -16.91
N1 ATP E . -6.43 0.68 -17.80
C2 ATP E . -6.16 1.99 -17.68
N3 ATP E . -6.23 2.65 -16.51
C4 ATP E . -6.57 2.00 -15.37
MG MG F . -9.22 -1.24 -10.60
PG ATP G . 8.66 5.64 4.35
O1G ATP G . 8.56 6.81 5.29
O2G ATP G . 9.61 4.57 4.82
O3G ATP G . 7.34 5.11 3.86
PB ATP G . 9.85 7.68 2.76
O1B ATP G . 10.89 7.51 1.67
O2B ATP G . 10.24 8.38 4.03
O3B ATP G . 9.36 6.18 3.02
PA ATP G . 7.53 9.46 2.73
O1A ATP G . 7.79 9.75 4.18
O2A ATP G . 6.13 9.04 2.31
O3A ATP G . 8.54 8.36 2.10
O5' ATP G . 7.92 10.80 1.91
C5' ATP G . 7.28 11.17 0.69
C4' ATP G . 7.06 12.68 0.65
O4' ATP G . 6.08 13.03 1.62
C3' ATP G . 8.26 13.55 0.96
O3' ATP G . 9.13 13.78 -0.16
C2' ATP G . 7.60 14.82 1.44
O2' ATP G . 7.20 15.63 0.32
C1' ATP G . 6.36 14.31 2.16
N9 ATP G . 6.60 14.21 3.63
C8 ATP G . 7.00 13.13 4.31
N7 ATP G . 7.12 13.40 5.64
C5 ATP G . 6.76 14.68 5.80
C6 ATP G . 6.66 15.61 6.95
N6 ATP G . 6.96 15.18 8.20
N1 ATP G . 6.26 16.88 6.69
C2 ATP G . 5.97 17.30 5.45
N3 ATP G . 6.04 16.52 4.36
C4 ATP G . 6.43 15.22 4.47
MG MG H . 9.27 9.21 5.26
PG ATP I . -4.81 -7.83 -7.67
O1G ATP I . -5.95 -7.80 -6.67
O2G ATP I . -5.23 -7.99 -9.11
O3G ATP I . -3.74 -6.79 -7.41
PB ATP I . -4.77 -10.63 -7.18
O1B ATP I . -3.85 -11.65 -7.82
O2B ATP I . -6.21 -10.58 -7.64
O3B ATP I . -4.04 -9.22 -7.37
PA ATP I . -5.89 -10.78 -4.55
O1A ATP I . -5.61 -9.80 -3.43
O2A ATP I . -7.19 -10.71 -5.31
O3A ATP I . -4.66 -10.74 -5.58
O5' ATP I . -5.75 -12.29 -3.99
C5' ATP I . -5.09 -12.58 -2.75
C4' ATP I . -5.88 -13.63 -1.97
O4' ATP I . -7.08 -13.05 -1.46
C3' ATP I . -6.32 -14.85 -2.77
O3' ATP I . -5.30 -15.83 -2.94
C2' ATP I . -7.46 -15.34 -1.91
O2' ATP I . -6.97 -16.08 -0.79
C1' ATP I . -8.11 -14.05 -1.43
N9 ATP I . -9.24 -13.68 -2.32
C8 ATP I . -9.17 -12.86 -3.38
N7 ATP I . -10.39 -12.73 -3.97
C5 ATP I . -11.25 -13.49 -3.28
C6 ATP I . -12.70 -13.80 -3.36
N6 ATP I . -13.46 -13.27 -4.35
N1 ATP I . -13.21 -14.64 -2.44
C2 ATP I . -12.47 -15.17 -1.45
N3 ATP I . -11.14 -14.93 -1.33
C4 ATP I . -10.49 -14.11 -2.18
MG MG J . -8.30 -10.94 -6.80
PG ATP K . 4.32 3.66 9.79
O1G ATP K . 3.82 3.20 8.45
O2G ATP K . 5.74 3.28 10.09
O3G ATP K . 3.98 5.09 10.14
PB ATP K . 3.88 2.00 12.08
O1B ATP K . 5.21 2.47 12.60
O2B ATP K . 2.70 1.99 13.03
O3B ATP K . 3.38 2.83 10.81
PA ATP K . 5.30 -0.30 11.01
O1A ATP K . 6.54 0.54 11.14
O2A ATP K . 4.97 -0.95 9.68
O3A ATP K . 3.98 0.50 11.48
O5' ATP K . 5.39 -1.42 12.15
C5' ATP K . 4.70 -2.67 12.06
C4' ATP K . 5.61 -3.78 12.58
O4' ATP K . 6.76 -3.92 11.73
C3' ATP K . 6.16 -3.58 13.98
O3' ATP K . 5.25 -3.95 15.03
C2' ATP K . 7.37 -4.47 13.92
O2' ATP K . 6.96 -5.83 14.15
C1' ATP K . 7.88 -4.32 12.51
N9 ATP K . 8.94 -3.28 12.43
C8 ATP K . 8.76 -1.98 12.12
N7 ATP K . 9.94 -1.33 12.13
C5 ATP K . 10.90 -2.22 12.46
C6 ATP K . 12.35 -2.18 12.67
N6 ATP K . 12.99 -1.01 12.50
N1 ATP K . 12.97 -3.32 12.99
C2 ATP K . 12.31 -4.48 13.15
N3 ATP K . 10.97 -4.59 13.00
C4 ATP K . 10.23 -3.50 12.65
MG MG L . 6.79 2.30 11.79
#